data_3DNF
#
_entry.id   3DNF
#
_cell.length_a   60.370
_cell.length_b   87.760
_cell.length_c   72.400
_cell.angle_alpha   90.00
_cell.angle_beta   95.13
_cell.angle_gamma   90.00
#
_symmetry.space_group_name_H-M   'P 1 21 1'
#
loop_
_entity.id
_entity.type
_entity.pdbx_description
1 polymer '4-hydroxy-3-methylbut-2-enyl diphosphate reductase'
2 non-polymer 'FE3-S4 CLUSTER'
3 non-polymer GLYCEROL
4 water water
#
_entity_poly.entity_id   1
_entity_poly.type   'polypeptide(L)'
_entity_poly.pdbx_seq_one_letter_code
;MVDIIIAEHAGFCFGVKRAVKLAEESLKESQGKVYTLGPIIHNPQEVNRLKNLGVFPSQGEEFKEGDTVIIRSHGIPPEK
EEALRKKGLKVIDATCPYVKAVHEAVCQLTREGYFVVLVGEKNHPEVIGTLGYLRACNGKGIVVETLEDIGEALKHERVG
IVAQTTQNEEFFKEVVGEIALWVKEVKVINTICNATSLRQESVKKLAPEVDVMIIIGGKNSGNTRRLYYISKELNPNTYH
IETAEELQPEWFRGVKRVGISAGASTPDWIIEQVKSRIQEICEGQLVSSRSHHHHHH
;
_entity_poly.pdbx_strand_id   A,B
#
loop_
_chem_comp.id
_chem_comp.type
_chem_comp.name
_chem_comp.formula
F3S non-polymer 'FE3-S4 CLUSTER' 'Fe3 S4'
GOL non-polymer GLYCEROL 'C3 H8 O3'
#
# COMPACT_ATOMS: atom_id res chain seq x y z
N MET A 1 35.99 15.65 24.21
CA MET A 1 34.86 16.49 24.69
C MET A 1 34.57 17.59 23.68
N VAL A 2 35.41 18.63 23.70
CA VAL A 2 35.25 19.82 22.85
C VAL A 2 35.36 19.50 21.36
N ASP A 3 34.43 20.05 20.57
CA ASP A 3 34.26 19.70 19.17
C ASP A 3 33.65 20.81 18.30
N ILE A 4 34.19 21.00 17.10
CA ILE A 4 33.53 21.75 16.02
C ILE A 4 33.29 20.77 14.86
N ILE A 5 32.03 20.32 14.70
CA ILE A 5 31.73 19.11 13.94
C ILE A 5 30.94 19.36 12.65
N ILE A 6 31.37 18.74 11.56
CA ILE A 6 30.56 18.69 10.34
C ILE A 6 29.65 17.46 10.40
N ALA A 7 28.34 17.70 10.29
CA ALA A 7 27.34 16.62 10.32
C ALA A 7 27.59 15.62 9.20
N GLU A 8 27.48 14.33 9.52
CA GLU A 8 27.57 13.32 8.48
C GLU A 8 26.46 13.60 7.48
N HIS A 9 26.73 13.31 6.20
CA HIS A 9 25.75 13.46 5.10
C HIS A 9 25.49 14.92 4.71
N ALA A 10 26.31 15.82 5.23
CA ALA A 10 26.23 17.24 4.86
C ALA A 10 26.62 17.36 3.38
N GLY A 11 25.87 18.17 2.63
CA GLY A 11 26.18 18.51 1.23
C GLY A 11 25.69 17.47 0.24
N PHE A 12 26.53 17.16 -0.76
CA PHE A 12 26.16 16.28 -1.87
C PHE A 12 25.79 14.94 -1.30
N CYS A 13 24.79 14.31 -1.93
CA CYS A 13 24.37 12.95 -1.63
C CYS A 13 25.44 11.98 -2.06
N PHE A 14 25.30 10.75 -1.56
CA PHE A 14 26.19 9.64 -1.89
C PHE A 14 26.51 9.53 -3.38
N GLY A 15 25.47 9.39 -4.22
CA GLY A 15 25.66 9.23 -5.62
C GLY A 15 26.43 10.32 -6.33
N VAL A 16 26.24 11.58 -5.90
CA VAL A 16 26.89 12.70 -6.56
C VAL A 16 28.34 12.79 -6.09
N LYS A 17 28.54 12.61 -4.79
CA LYS A 17 29.91 12.54 -4.24
C LYS A 17 30.75 11.49 -4.99
N ARG A 18 30.15 10.33 -5.20
CA ARG A 18 30.81 9.24 -5.93
C ARG A 18 31.07 9.60 -7.40
N ALA A 19 30.07 10.17 -8.07
CA ALA A 19 30.27 10.65 -9.44
C ALA A 19 31.43 11.66 -9.53
N VAL A 20 31.50 12.62 -8.59
CA VAL A 20 32.58 13.59 -8.59
C VAL A 20 33.94 12.92 -8.40
N LYS A 21 34.00 11.98 -7.47
CA LYS A 21 35.21 11.18 -7.21
C LYS A 21 35.65 10.43 -8.48
N LEU A 22 34.71 9.75 -9.11
CA LEU A 22 35.01 8.97 -10.32
C LEU A 22 35.54 9.88 -11.43
N ALA A 23 34.97 11.08 -11.53
CA ALA A 23 35.38 12.07 -12.55
C ALA A 23 36.82 12.50 -12.31
N GLU A 24 37.10 12.89 -11.07
CA GLU A 24 38.43 13.34 -10.66
C GLU A 24 39.49 12.26 -10.87
N GLU A 25 39.15 11.03 -10.53
CA GLU A 25 40.11 9.94 -10.68
C GLU A 25 40.38 9.56 -12.14
N SER A 26 39.42 9.84 -13.02
CA SER A 26 39.55 9.54 -14.46
C SER A 26 40.68 10.35 -15.12
N LEU A 27 41.09 11.46 -14.51
CA LEU A 27 42.09 12.35 -15.10
C LEU A 27 43.46 11.73 -15.12
N LYS A 28 43.80 11.02 -14.04
CA LYS A 28 45.01 10.20 -13.96
C LYS A 28 44.98 9.16 -15.09
N GLU A 29 46.03 9.17 -15.90
CA GLU A 29 46.22 8.18 -16.98
C GLU A 29 45.15 8.24 -18.07
N SER A 30 44.49 9.39 -18.19
CA SER A 30 43.58 9.61 -19.30
C SER A 30 44.43 9.91 -20.51
N GLN A 31 44.29 9.11 -21.56
CA GLN A 31 45.05 9.40 -22.77
C GLN A 31 44.33 10.39 -23.68
N GLY A 32 43.00 10.46 -23.57
CA GLY A 32 42.23 11.44 -24.34
C GLY A 32 41.64 12.54 -23.48
N LYS A 33 40.70 13.31 -24.03
CA LYS A 33 40.00 14.35 -23.29
C LYS A 33 38.92 13.68 -22.43
N VAL A 34 38.67 14.25 -21.24
CA VAL A 34 37.67 13.70 -20.29
C VAL A 34 36.42 14.57 -20.27
N TYR A 35 35.30 13.90 -20.54
CA TYR A 35 33.98 14.53 -20.57
C TYR A 35 33.01 13.88 -19.59
N THR A 36 32.15 14.70 -18.99
CA THR A 36 30.90 14.18 -18.41
C THR A 36 29.82 14.32 -19.50
N LEU A 37 28.89 13.38 -19.52
CA LEU A 37 27.76 13.43 -20.45
C LEU A 37 26.75 14.46 -19.98
N GLY A 38 26.92 15.67 -20.48
CA GLY A 38 26.35 16.91 -19.92
C GLY A 38 27.00 17.31 -18.59
N PRO A 39 26.58 18.44 -17.99
CA PRO A 39 27.16 18.86 -16.72
C PRO A 39 26.86 17.84 -15.63
N ILE A 40 27.85 17.55 -14.77
CA ILE A 40 27.75 16.42 -13.84
C ILE A 40 26.69 16.63 -12.75
N ILE A 41 26.42 17.90 -12.44
CA ILE A 41 25.28 18.32 -11.61
C ILE A 41 24.83 19.74 -11.97
N HIS A 42 23.70 20.19 -11.41
CA HIS A 42 23.26 21.59 -11.50
C HIS A 42 23.89 22.33 -10.35
N ASN A 43 25.12 22.77 -10.55
CA ASN A 43 25.83 23.66 -9.67
C ASN A 43 26.95 24.15 -10.55
N PRO A 44 26.83 25.39 -11.06
CA PRO A 44 27.78 25.93 -12.03
C PRO A 44 29.20 26.01 -11.46
N GLN A 45 29.34 26.35 -10.17
CA GLN A 45 30.64 26.49 -9.54
C GLN A 45 31.40 25.17 -9.49
N GLU A 46 30.68 24.10 -9.17
CA GLU A 46 31.28 22.77 -9.11
C GLU A 46 31.61 22.27 -10.52
N VAL A 47 30.72 22.53 -11.47
CA VAL A 47 30.99 22.19 -12.88
C VAL A 47 32.24 22.94 -13.36
N ASN A 48 32.35 24.21 -12.94
CA ASN A 48 33.50 25.05 -13.24
C ASN A 48 34.76 24.50 -12.59
N ARG A 49 34.66 24.04 -11.34
CA ARG A 49 35.83 23.51 -10.62
C ARG A 49 36.40 22.29 -11.38
N LEU A 50 35.52 21.41 -11.82
CA LEU A 50 35.88 20.20 -12.57
C LEU A 50 36.46 20.54 -13.97
N LYS A 51 35.89 21.55 -14.63
CA LYS A 51 36.41 22.01 -15.92
C LYS A 51 37.86 22.48 -15.84
N ASN A 52 38.14 23.28 -14.81
CA ASN A 52 39.49 23.72 -14.48
C ASN A 52 40.50 22.59 -14.24
N LEU A 53 40.01 21.43 -13.81
CA LEU A 53 40.85 20.24 -13.64
C LEU A 53 40.97 19.43 -14.92
N GLY A 54 40.07 19.65 -15.88
CA GLY A 54 40.13 18.96 -17.16
C GLY A 54 38.96 18.02 -17.41
N VAL A 55 37.89 18.15 -16.63
CA VAL A 55 36.67 17.34 -16.82
C VAL A 55 35.65 18.28 -17.45
N PHE A 56 35.38 18.03 -18.73
CA PHE A 56 34.56 18.93 -19.51
C PHE A 56 33.12 18.45 -19.64
N PRO A 57 32.16 19.35 -19.39
CA PRO A 57 30.77 18.99 -19.65
C PRO A 57 30.45 18.96 -21.15
N SER A 58 30.08 17.81 -21.68
CA SER A 58 29.85 17.70 -23.13
C SER A 58 28.63 18.48 -23.56
N GLN A 59 28.70 19.03 -24.76
CA GLN A 59 27.63 19.84 -25.38
C GLN A 59 26.77 18.99 -26.32
N GLY A 60 27.39 18.01 -26.98
CA GLY A 60 26.70 17.26 -28.03
C GLY A 60 27.33 15.89 -28.21
N GLU A 61 27.90 15.69 -29.38
CA GLU A 61 28.52 14.43 -29.73
C GLU A 61 29.97 14.74 -30.16
N GLU A 62 30.61 15.64 -29.40
CA GLU A 62 31.93 16.17 -29.84
C GLU A 62 33.12 15.28 -29.43
N PHE A 63 32.90 14.37 -28.49
CA PHE A 63 33.96 13.45 -28.00
C PHE A 63 34.30 12.44 -29.11
N LYS A 64 35.56 12.03 -29.18
CA LYS A 64 35.98 11.12 -30.24
C LYS A 64 36.65 9.87 -29.67
N GLU A 65 36.92 8.90 -30.55
CA GLU A 65 37.59 7.67 -30.17
C GLU A 65 38.79 7.95 -29.24
N GLY A 66 38.83 7.25 -28.11
CA GLY A 66 39.94 7.40 -27.16
C GLY A 66 39.62 8.40 -26.04
N ASP A 67 38.60 9.22 -26.24
CA ASP A 67 38.14 10.14 -25.18
C ASP A 67 37.42 9.38 -24.08
N THR A 68 37.30 10.01 -22.92
CA THR A 68 36.61 9.39 -21.76
C THR A 68 35.28 10.10 -21.64
N VAL A 69 34.21 9.35 -21.46
CA VAL A 69 32.88 9.90 -21.20
C VAL A 69 32.34 9.33 -19.89
N ILE A 70 31.88 10.20 -19.01
CA ILE A 70 31.37 9.78 -17.70
C ILE A 70 29.83 9.91 -17.71
N ILE A 71 29.14 8.79 -17.49
CA ILE A 71 27.67 8.73 -17.45
C ILE A 71 27.26 9.38 -16.10
N ARG A 72 26.31 10.31 -16.12
CA ARG A 72 25.85 10.98 -14.90
C ARG A 72 25.12 10.05 -13.93
N SER A 73 24.92 10.50 -12.71
CA SER A 73 24.34 9.69 -11.63
C SER A 73 22.96 9.19 -12.01
N HIS A 74 22.25 9.92 -12.85
CA HIS A 74 20.92 9.46 -13.23
C HIS A 74 20.88 8.33 -14.24
N GLY A 75 22.04 7.96 -14.76
CA GLY A 75 22.16 6.90 -15.76
C GLY A 75 21.57 7.17 -17.15
N ILE A 76 21.64 6.17 -18.03
CA ILE A 76 21.15 6.28 -19.39
C ILE A 76 20.69 4.89 -19.85
N PRO A 77 19.88 4.84 -20.91
CA PRO A 77 19.44 3.56 -21.44
C PRO A 77 20.60 2.65 -21.85
N PRO A 78 20.45 1.31 -21.67
CA PRO A 78 21.61 0.47 -21.95
C PRO A 78 22.09 0.52 -23.42
N GLU A 79 21.18 0.69 -24.36
CA GLU A 79 21.60 0.78 -25.75
C GLU A 79 22.40 2.07 -26.05
N LYS A 80 22.17 3.13 -25.26
CA LYS A 80 22.93 4.36 -25.50
C LYS A 80 24.34 4.15 -24.94
N GLU A 81 24.43 3.55 -23.77
CA GLU A 81 25.73 3.25 -23.15
C GLU A 81 26.52 2.38 -24.14
N GLU A 82 25.84 1.38 -24.69
CA GLU A 82 26.48 0.54 -25.67
C GLU A 82 26.94 1.30 -26.92
N ALA A 83 26.11 2.22 -27.42
CA ALA A 83 26.47 3.03 -28.57
C ALA A 83 27.76 3.84 -28.28
N LEU A 84 27.87 4.34 -27.06
CA LEU A 84 29.06 5.12 -26.69
C LEU A 84 30.35 4.26 -26.69
N ARG A 85 30.24 3.04 -26.15
CA ARG A 85 31.34 2.08 -26.19
C ARG A 85 31.71 1.74 -27.63
N LYS A 86 30.70 1.58 -28.50
CA LYS A 86 30.93 1.22 -29.87
C LYS A 86 31.67 2.32 -30.63
N LYS A 87 31.57 3.55 -30.15
CA LYS A 87 32.28 4.68 -30.75
C LYS A 87 33.76 4.70 -30.34
N GLY A 88 34.16 3.81 -29.43
CA GLY A 88 35.58 3.72 -29.00
C GLY A 88 35.92 4.67 -27.86
N LEU A 89 34.91 5.06 -27.10
CA LEU A 89 35.06 5.94 -25.95
C LEU A 89 35.33 5.08 -24.73
N LYS A 90 36.16 5.59 -23.83
CA LYS A 90 36.31 4.94 -22.55
C LYS A 90 35.18 5.37 -21.64
N VAL A 91 34.27 4.45 -21.32
CA VAL A 91 33.04 4.84 -20.64
C VAL A 91 33.22 4.64 -19.13
N ILE A 92 33.00 5.69 -18.37
CA ILE A 92 33.03 5.56 -16.91
C ILE A 92 31.58 5.68 -16.43
N ASP A 93 31.09 4.62 -15.79
CA ASP A 93 29.70 4.62 -15.44
C ASP A 93 29.51 5.13 -14.04
N ALA A 94 29.17 6.43 -13.93
CA ALA A 94 28.87 7.02 -12.62
C ALA A 94 27.39 7.01 -12.22
N THR A 95 26.61 6.16 -12.87
CA THR A 95 25.21 5.99 -12.48
C THR A 95 25.17 5.68 -10.98
N CYS A 96 24.29 6.37 -10.22
CA CYS A 96 24.15 6.05 -8.81
C CYS A 96 23.76 4.64 -8.50
N PRO A 97 24.45 3.98 -7.55
CA PRO A 97 24.02 2.61 -7.17
C PRO A 97 22.51 2.49 -6.82
N TYR A 98 21.92 3.54 -6.23
CA TYR A 98 20.46 3.52 -6.04
C TYR A 98 19.66 3.51 -7.33
N VAL A 99 20.18 4.21 -8.34
CA VAL A 99 19.56 4.21 -9.63
C VAL A 99 19.68 2.82 -10.27
N LYS A 100 20.87 2.22 -10.15
CA LYS A 100 21.15 0.85 -10.63
C LYS A 100 20.20 -0.11 -9.96
N ALA A 101 19.86 0.13 -8.71
CA ALA A 101 18.91 -0.73 -7.98
C ALA A 101 17.49 -0.70 -8.60
N VAL A 102 17.12 0.42 -9.20
CA VAL A 102 15.83 0.60 -9.87
C VAL A 102 15.92 -0.26 -11.17
N HIS A 103 17.01 -0.06 -11.91
CA HIS A 103 17.24 -0.88 -13.11
C HIS A 103 17.06 -2.35 -12.82
N GLU A 104 17.69 -2.82 -11.74
CA GLU A 104 17.61 -4.22 -11.38
C GLU A 104 16.15 -4.63 -11.00
N ALA A 105 15.48 -3.76 -10.29
CA ALA A 105 14.15 -4.02 -9.72
C ALA A 105 13.14 -4.14 -10.85
N VAL A 106 13.29 -3.38 -11.93
CA VAL A 106 12.22 -3.45 -12.93
C VAL A 106 12.43 -4.75 -13.72
N CYS A 107 13.68 -5.18 -13.79
CA CYS A 107 14.00 -6.48 -14.45
C CYS A 107 13.56 -7.66 -13.56
N GLN A 108 13.78 -7.58 -12.27
CA GLN A 108 13.30 -8.60 -11.31
C GLN A 108 11.80 -8.80 -11.43
N LEU A 109 11.06 -7.72 -11.35
CA LEU A 109 9.62 -7.74 -11.49
C LEU A 109 9.13 -8.34 -12.81
N THR A 110 9.82 -8.06 -13.91
CA THR A 110 9.48 -8.59 -15.21
C THR A 110 9.68 -10.08 -15.15
N ARG A 111 10.78 -10.52 -14.56
CA ARG A 111 11.02 -11.97 -14.51
C ARG A 111 9.94 -12.70 -13.69
N GLU A 112 9.40 -12.00 -12.71
CA GLU A 112 8.39 -12.55 -11.81
C GLU A 112 6.98 -12.41 -12.40
N GLY A 113 6.89 -11.82 -13.57
CA GLY A 113 5.62 -11.70 -14.34
C GLY A 113 4.70 -10.51 -14.04
N TYR A 114 5.26 -9.41 -13.56
CA TYR A 114 4.51 -8.19 -13.27
C TYR A 114 4.53 -7.17 -14.40
N PHE A 115 3.39 -6.49 -14.60
CA PHE A 115 3.35 -5.31 -15.41
C PHE A 115 3.91 -4.20 -14.51
N VAL A 116 4.84 -3.39 -15.02
CA VAL A 116 5.58 -2.52 -14.14
C VAL A 116 5.09 -1.09 -14.13
N VAL A 117 4.94 -0.55 -12.93
CA VAL A 117 4.63 0.86 -12.78
C VAL A 117 5.83 1.56 -12.14
N LEU A 118 6.31 2.62 -12.78
CA LEU A 118 7.48 3.36 -12.27
C LEU A 118 6.88 4.70 -11.85
N VAL A 119 6.89 4.98 -10.56
CA VAL A 119 6.30 6.24 -10.05
C VAL A 119 7.40 7.30 -10.12
N GLY A 120 7.15 8.35 -10.91
CA GLY A 120 8.17 9.34 -11.22
C GLY A 120 7.77 10.29 -12.33
N GLU A 121 8.73 11.12 -12.73
CA GLU A 121 8.50 12.21 -13.68
C GLU A 121 8.88 11.66 -15.06
N LYS A 122 7.90 11.58 -15.96
CA LYS A 122 8.06 11.01 -17.32
C LYS A 122 9.27 11.51 -18.11
N ASN A 123 9.55 12.80 -18.04
CA ASN A 123 10.62 13.37 -18.85
C ASN A 123 11.98 13.31 -18.18
N HIS A 124 12.06 12.76 -16.97
CA HIS A 124 13.31 12.83 -16.23
C HIS A 124 14.32 11.82 -16.78
N PRO A 125 15.59 12.23 -16.96
CA PRO A 125 16.61 11.31 -17.49
C PRO A 125 16.71 9.96 -16.70
N GLU A 126 16.51 10.00 -15.38
CA GLU A 126 16.54 8.75 -14.61
C GLU A 126 15.44 7.76 -15.05
N VAL A 127 14.25 8.32 -15.21
CA VAL A 127 13.11 7.55 -15.64
C VAL A 127 13.28 7.02 -17.06
N ILE A 128 13.77 7.85 -17.97
CA ILE A 128 14.08 7.42 -19.33
C ILE A 128 15.11 6.31 -19.33
N GLY A 129 16.15 6.43 -18.49
CA GLY A 129 17.10 5.34 -18.33
C GLY A 129 16.43 4.03 -17.89
N THR A 130 15.57 4.14 -16.90
CA THR A 130 14.96 2.93 -16.33
C THR A 130 14.02 2.26 -17.34
N LEU A 131 13.26 3.06 -18.10
CA LEU A 131 12.47 2.51 -19.19
C LEU A 131 13.33 1.74 -20.18
N GLY A 132 14.57 2.19 -20.43
CA GLY A 132 15.46 1.49 -21.34
C GLY A 132 15.81 0.12 -20.79
N TYR A 133 16.01 0.04 -19.47
CA TYR A 133 16.31 -1.24 -18.80
C TYR A 133 15.11 -2.19 -18.84
N LEU A 134 13.94 -1.63 -18.58
CA LEU A 134 12.69 -2.40 -18.66
C LEU A 134 12.54 -2.98 -20.07
N ARG A 135 12.75 -2.13 -21.10
CA ARG A 135 12.71 -2.60 -22.46
C ARG A 135 13.72 -3.73 -22.74
N ALA A 136 14.96 -3.58 -22.28
CA ALA A 136 16.06 -4.51 -22.59
C ALA A 136 15.81 -5.90 -22.01
N CYS A 137 15.13 -5.94 -20.87
CA CYS A 137 14.77 -7.25 -20.30
CA CYS A 137 14.74 -7.16 -20.18
C CYS A 137 13.39 -7.72 -20.70
N ASN A 138 12.88 -7.17 -21.80
CA ASN A 138 11.57 -7.58 -22.34
C ASN A 138 10.41 -7.42 -21.35
N GLY A 139 10.43 -6.33 -20.59
CA GLY A 139 9.39 -6.01 -19.62
C GLY A 139 8.42 -5.02 -20.27
N LYS A 140 7.28 -4.80 -19.60
CA LYS A 140 6.29 -3.85 -20.09
C LYS A 140 5.86 -3.06 -18.90
N GLY A 141 5.54 -1.80 -19.13
CA GLY A 141 5.10 -0.98 -18.03
C GLY A 141 4.96 0.46 -18.43
N ILE A 142 4.61 1.27 -17.45
CA ILE A 142 4.35 2.71 -17.68
C ILE A 142 4.93 3.53 -16.53
N VAL A 143 5.04 4.84 -16.81
CA VAL A 143 5.39 5.82 -15.79
C VAL A 143 4.12 6.43 -15.21
N VAL A 144 4.03 6.48 -13.89
CA VAL A 144 2.92 7.15 -13.23
C VAL A 144 3.40 8.42 -12.53
N GLU A 145 3.02 9.57 -13.11
CA GLU A 145 3.42 10.89 -12.59
C GLU A 145 2.31 11.57 -11.83
N THR A 146 1.06 11.34 -12.25
CA THR A 146 -0.13 11.74 -11.49
C THR A 146 -1.10 10.57 -11.38
N LEU A 147 -2.08 10.66 -10.47
CA LEU A 147 -2.96 9.52 -10.23
C LEU A 147 -3.71 9.09 -11.51
N GLU A 148 -3.97 10.05 -12.40
CA GLU A 148 -4.64 9.79 -13.67
C GLU A 148 -3.90 8.75 -14.55
N ASP A 149 -2.58 8.65 -14.36
CA ASP A 149 -1.72 7.74 -15.14
C ASP A 149 -1.93 6.25 -14.80
N ILE A 150 -2.62 5.95 -13.72
CA ILE A 150 -2.68 4.54 -13.28
C ILE A 150 -3.60 3.64 -14.13
N GLY A 151 -4.49 4.23 -14.93
CA GLY A 151 -5.51 3.48 -15.68
C GLY A 151 -5.00 2.26 -16.46
N GLU A 152 -3.91 2.44 -17.22
CA GLU A 152 -3.33 1.32 -17.98
C GLU A 152 -2.92 0.16 -17.06
N ALA A 153 -2.34 0.47 -15.90
CA ALA A 153 -1.88 -0.58 -14.99
C ALA A 153 -3.06 -1.35 -14.43
N LEU A 154 -4.23 -0.71 -14.33
CA LEU A 154 -5.42 -1.35 -13.73
C LEU A 154 -6.03 -2.45 -14.59
N LYS A 155 -5.59 -2.52 -15.83
CA LYS A 155 -5.98 -3.57 -16.77
C LYS A 155 -5.28 -4.91 -16.49
N HIS A 156 -4.29 -4.89 -15.60
CA HIS A 156 -3.45 -6.04 -15.29
C HIS A 156 -3.77 -6.67 -13.93
N GLU A 157 -3.67 -7.98 -13.83
CA GLU A 157 -3.95 -8.62 -12.55
C GLU A 157 -2.78 -8.54 -11.55
N ARG A 158 -1.57 -8.41 -12.11
CA ARG A 158 -0.32 -8.39 -11.30
C ARG A 158 0.55 -7.19 -11.66
N VAL A 159 0.58 -6.21 -10.75
CA VAL A 159 1.33 -4.98 -10.99
C VAL A 159 2.53 -4.89 -10.04
N GLY A 160 3.71 -4.60 -10.59
CA GLY A 160 4.95 -4.41 -9.78
C GLY A 160 5.27 -2.92 -9.80
N ILE A 161 5.50 -2.36 -8.62
CA ILE A 161 5.65 -0.91 -8.46
C ILE A 161 7.04 -0.51 -7.94
N VAL A 162 7.70 0.39 -8.66
CA VAL A 162 8.99 0.93 -8.20
C VAL A 162 8.90 2.46 -8.23
N ALA A 163 9.95 3.12 -7.73
CA ALA A 163 9.96 4.60 -7.63
C ALA A 163 11.23 5.13 -8.26
N GLN A 164 11.08 6.23 -9.00
CA GLN A 164 12.22 7.17 -9.16
C GLN A 164 12.88 7.40 -7.78
N THR A 165 14.22 7.40 -7.77
CA THR A 165 14.99 7.45 -6.50
C THR A 165 14.61 8.67 -5.63
N THR A 166 14.17 9.74 -6.30
CA THR A 166 13.85 11.01 -5.63
C THR A 166 12.34 11.26 -5.52
N GLN A 167 11.55 10.26 -5.86
CA GLN A 167 10.10 10.31 -5.72
C GLN A 167 9.66 10.70 -4.30
N ASN A 168 8.74 11.65 -4.23
CA ASN A 168 8.09 12.06 -3.02
C ASN A 168 7.32 10.88 -2.36
N GLU A 169 7.55 10.65 -1.07
CA GLU A 169 6.90 9.55 -0.34
C GLU A 169 5.38 9.61 -0.31
N GLU A 170 4.81 10.81 -0.17
CA GLU A 170 3.37 10.98 -0.02
C GLU A 170 2.64 10.48 -1.26
N PHE A 171 3.10 10.89 -2.44
CA PHE A 171 2.47 10.46 -3.66
C PHE A 171 2.73 8.96 -3.87
N PHE A 172 3.93 8.49 -3.52
CA PHE A 172 4.25 7.07 -3.70
C PHE A 172 3.27 6.19 -2.86
N LYS A 173 3.08 6.55 -1.60
CA LYS A 173 2.14 5.85 -0.71
C LYS A 173 0.74 5.85 -1.34
N GLU A 174 0.36 6.98 -1.91
CA GLU A 174 -0.98 7.11 -2.50
C GLU A 174 -1.17 6.18 -3.71
N VAL A 175 -0.21 6.20 -4.63
CA VAL A 175 -0.23 5.32 -5.81
C VAL A 175 -0.27 3.83 -5.42
N VAL A 176 0.61 3.45 -4.53
CA VAL A 176 0.68 2.09 -4.09
C VAL A 176 -0.66 1.64 -3.46
N GLY A 177 -1.25 2.45 -2.59
CA GLY A 177 -2.47 2.04 -1.90
C GLY A 177 -3.60 2.03 -2.91
N GLU A 178 -3.62 2.98 -3.85
CA GLU A 178 -4.74 3.06 -4.80
C GLU A 178 -4.72 1.86 -5.76
N ILE A 179 -3.56 1.58 -6.31
CA ILE A 179 -3.42 0.45 -7.25
C ILE A 179 -3.83 -0.88 -6.52
N ALA A 180 -3.36 -1.06 -5.29
CA ALA A 180 -3.75 -2.21 -4.47
C ALA A 180 -5.26 -2.44 -4.33
N LEU A 181 -6.04 -1.37 -4.32
CA LEU A 181 -7.50 -1.52 -4.24
C LEU A 181 -8.14 -2.08 -5.51
N TRP A 182 -7.48 -1.86 -6.66
CA TRP A 182 -8.06 -2.13 -7.98
C TRP A 182 -7.55 -3.40 -8.65
N VAL A 183 -6.38 -3.88 -8.29
CA VAL A 183 -5.83 -5.06 -8.97
C VAL A 183 -5.62 -6.23 -7.97
N LYS A 184 -5.48 -7.45 -8.47
CA LYS A 184 -5.47 -8.67 -7.65
C LYS A 184 -4.22 -8.72 -6.79
N GLU A 185 -3.09 -8.37 -7.39
CA GLU A 185 -1.82 -8.59 -6.73
C GLU A 185 -0.89 -7.48 -7.07
N VAL A 186 -0.23 -6.93 -6.04
CA VAL A 186 0.70 -5.82 -6.23
C VAL A 186 1.98 -6.20 -5.52
N LYS A 187 3.10 -6.01 -6.20
CA LYS A 187 4.37 -6.12 -5.48
C LYS A 187 5.09 -4.79 -5.57
N VAL A 188 5.52 -4.27 -4.42
CA VAL A 188 6.21 -3.00 -4.35
C VAL A 188 7.67 -3.28 -3.95
N ILE A 189 8.60 -2.73 -4.72
CA ILE A 189 10.01 -2.69 -4.31
C ILE A 189 10.33 -1.20 -4.18
N ASN A 190 10.40 -0.73 -2.91
CA ASN A 190 10.60 0.68 -2.55
C ASN A 190 12.04 1.05 -2.85
N THR A 191 12.21 1.75 -3.98
CA THR A 191 13.54 2.12 -4.48
C THR A 191 13.82 3.59 -4.23
N ILE A 192 13.00 4.22 -3.40
CA ILE A 192 13.31 5.60 -2.99
C ILE A 192 14.64 5.64 -2.21
N CYS A 193 15.56 6.53 -2.61
CA CYS A 193 16.85 6.60 -1.95
CA CYS A 193 16.85 6.65 -1.97
C CYS A 193 16.78 7.35 -0.60
N ASN A 194 17.76 7.12 0.27
CA ASN A 194 17.69 7.61 1.63
C ASN A 194 18.49 8.91 1.87
N ALA A 195 18.86 9.60 0.77
CA ALA A 195 19.74 10.77 0.83
C ALA A 195 19.23 11.90 1.74
N THR A 196 17.99 12.33 1.51
CA THR A 196 17.41 13.46 2.24
C THR A 196 17.21 13.08 3.70
N SER A 197 16.76 11.85 3.95
N SER A 197 16.76 11.85 3.96
CA SER A 197 16.57 11.35 5.32
CA SER A 197 16.57 11.39 5.34
C SER A 197 17.89 11.33 6.09
C SER A 197 17.89 11.31 6.12
N LEU A 198 18.93 10.81 5.45
CA LEU A 198 20.28 10.72 6.02
C LEU A 198 20.77 12.10 6.42
N ARG A 199 20.65 13.06 5.50
CA ARG A 199 21.08 14.42 5.78
C ARG A 199 20.28 15.01 6.94
N GLN A 200 18.95 14.85 6.92
CA GLN A 200 18.11 15.50 7.92
C GLN A 200 18.23 14.86 9.32
N GLU A 201 18.22 13.52 9.39
CA GLU A 201 18.38 12.81 10.67
C GLU A 201 19.70 13.14 11.34
N SER A 202 20.73 13.35 10.54
CA SER A 202 22.06 13.66 11.05
C SER A 202 22.09 15.05 11.70
N VAL A 203 21.43 16.03 11.06
CA VAL A 203 21.19 17.38 11.64
C VAL A 203 20.36 17.33 12.94
N LYS A 204 19.32 16.50 13.00
CA LYS A 204 18.55 16.32 14.23
C LYS A 204 19.39 15.73 15.36
N LYS A 205 20.41 14.97 15.00
CA LYS A 205 21.24 14.27 15.97
C LYS A 205 22.27 15.24 16.53
N LEU A 206 22.82 16.07 15.65
CA LEU A 206 23.85 17.02 16.02
C LEU A 206 23.31 18.24 16.76
N ALA A 207 22.25 18.86 16.23
CA ALA A 207 21.75 20.15 16.73
C ALA A 207 21.56 20.28 18.27
N PRO A 208 20.94 19.28 18.94
CA PRO A 208 20.81 19.42 20.39
C PRO A 208 22.13 19.16 21.15
N GLU A 209 23.17 18.73 20.44
CA GLU A 209 24.47 18.43 21.06
C GLU A 209 25.54 19.49 20.80
N VAL A 210 25.16 20.57 20.10
CA VAL A 210 26.08 21.71 19.88
C VAL A 210 25.47 23.02 20.39
N ASP A 211 26.33 24.04 20.55
CA ASP A 211 25.90 25.35 20.99
C ASP A 211 25.25 26.18 19.88
N VAL A 212 25.86 26.13 18.68
CA VAL A 212 25.32 26.84 17.52
C VAL A 212 25.31 25.91 16.30
N MET A 213 24.29 26.05 15.45
CA MET A 213 24.24 25.29 14.18
C MET A 213 24.40 26.21 12.98
N ILE A 214 25.40 25.90 12.14
CA ILE A 214 25.54 26.54 10.83
C ILE A 214 24.97 25.62 9.75
N ILE A 215 23.96 26.11 9.05
CA ILE A 215 23.37 25.39 7.92
C ILE A 215 23.75 26.15 6.65
N ILE A 216 24.55 25.51 5.80
CA ILE A 216 25.07 26.18 4.59
C ILE A 216 24.22 25.84 3.38
N GLY A 217 23.89 26.86 2.60
CA GLY A 217 23.20 26.65 1.33
C GLY A 217 22.58 27.92 0.82
N GLY A 218 22.15 27.88 -0.44
CA GLY A 218 21.51 29.02 -1.10
C GLY A 218 20.37 29.56 -0.25
N LYS A 219 20.22 30.87 -0.22
CA LYS A 219 19.14 31.46 0.55
C LYS A 219 17.79 30.90 0.11
N ASN A 220 17.60 30.77 -1.20
CA ASN A 220 16.32 30.31 -1.75
C ASN A 220 16.33 28.82 -2.07
N SER A 221 17.29 28.10 -1.50
CA SER A 221 17.39 26.65 -1.65
C SER A 221 16.36 25.96 -0.75
N GLY A 222 15.39 25.31 -1.37
CA GLY A 222 14.30 24.65 -0.67
C GLY A 222 14.73 23.63 0.36
N ASN A 223 15.67 22.75 -0.01
CA ASN A 223 16.12 21.70 0.89
C ASN A 223 17.03 22.18 2.02
N THR A 224 17.78 23.25 1.77
CA THR A 224 18.60 23.89 2.80
C THR A 224 17.72 24.57 3.84
N ARG A 225 16.64 25.19 3.37
CA ARG A 225 15.62 25.79 4.23
C ARG A 225 14.97 24.76 5.16
N ARG A 226 14.62 23.58 4.62
CA ARG A 226 14.08 22.47 5.43
C ARG A 226 15.07 22.04 6.51
N LEU A 227 16.33 21.85 6.11
CA LEU A 227 17.42 21.57 7.05
C LEU A 227 17.50 22.64 8.14
N TYR A 228 17.42 23.89 7.72
CA TYR A 228 17.47 25.02 8.66
C TYR A 228 16.35 24.91 9.69
N TYR A 229 15.16 24.58 9.22
CA TYR A 229 13.97 24.55 10.08
C TYR A 229 13.98 23.38 11.04
N ILE A 230 14.53 22.26 10.59
CA ILE A 230 14.69 21.06 11.39
C ILE A 230 15.69 21.32 12.52
N SER A 231 16.83 21.92 12.15
CA SER A 231 17.83 22.36 13.11
C SER A 231 17.23 23.39 14.08
N LYS A 232 16.50 24.36 13.54
CA LYS A 232 15.91 25.49 14.30
C LYS A 232 15.02 25.06 15.48
N GLU A 233 14.13 24.08 15.25
CA GLU A 233 13.15 23.69 16.30
C GLU A 233 13.81 22.99 17.49
N LEU A 234 14.96 22.37 17.23
CA LEU A 234 15.77 21.72 18.27
C LEU A 234 16.77 22.66 18.93
N ASN A 235 17.25 23.67 18.15
CA ASN A 235 18.31 24.56 18.61
C ASN A 235 18.00 25.99 18.10
N PRO A 236 17.27 26.83 18.90
CA PRO A 236 16.91 28.22 18.47
C PRO A 236 18.18 28.96 18.10
N ASN A 237 19.32 28.52 18.48
CA ASN A 237 20.59 29.15 18.19
C ASN A 237 21.15 28.66 16.84
N THR A 238 20.37 28.82 15.74
CA THR A 238 20.74 28.26 14.38
C THR A 238 20.77 29.37 13.31
N TYR A 239 21.89 29.37 12.54
CA TYR A 239 22.11 30.36 11.47
C TYR A 239 22.17 29.69 10.09
N HIS A 240 21.45 30.23 9.11
CA HIS A 240 21.55 29.74 7.71
C HIS A 240 22.37 30.73 6.88
N ILE A 241 23.50 30.26 6.37
CA ILE A 241 24.44 31.07 5.59
C ILE A 241 24.69 30.46 4.21
N GLU A 242 25.22 31.29 3.32
CA GLU A 242 25.55 30.85 1.96
C GLU A 242 27.04 30.59 1.82
N THR A 243 27.86 31.51 2.33
CA THR A 243 29.31 31.33 2.28
C THR A 243 29.96 31.82 3.56
N ALA A 244 31.26 31.53 3.69
CA ALA A 244 32.01 31.79 4.91
C ALA A 244 32.02 33.28 5.24
N GLU A 245 31.68 34.09 4.23
CA GLU A 245 31.65 35.54 4.37
C GLU A 245 30.66 36.00 5.45
N GLU A 246 29.54 35.31 5.57
CA GLU A 246 28.48 35.69 6.52
C GLU A 246 28.82 35.37 7.98
N LEU A 247 29.74 34.26 8.16
CA LEU A 247 30.10 33.90 9.54
C LEU A 247 30.59 35.10 10.34
N GLN A 248 29.67 35.60 11.18
CA GLN A 248 29.95 36.77 12.01
C GLN A 248 30.59 36.36 13.35
N PRO A 249 31.78 36.95 13.67
CA PRO A 249 32.53 36.74 14.94
C PRO A 249 31.68 36.70 16.24
N GLU A 250 30.74 37.65 16.34
CA GLU A 250 29.84 37.79 17.52
C GLU A 250 28.98 36.53 17.86
N TRP A 251 28.69 35.70 16.82
CA TRP A 251 27.80 34.52 17.00
C TRP A 251 28.44 33.44 17.86
N PHE A 252 29.84 33.48 17.94
CA PHE A 252 30.58 32.40 18.61
C PHE A 252 31.16 32.78 19.98
N ARG A 253 30.65 33.85 20.58
CA ARG A 253 31.01 34.23 21.94
C ARG A 253 30.53 33.16 22.91
N GLY A 254 31.45 32.62 23.71
CA GLY A 254 31.11 31.62 24.73
C GLY A 254 30.67 30.23 24.27
N VAL A 255 30.77 29.95 22.97
CA VAL A 255 30.40 28.62 22.49
C VAL A 255 31.61 27.67 22.52
N LYS A 256 31.40 26.46 23.02
CA LYS A 256 32.44 25.43 23.04
C LYS A 256 32.32 24.45 21.87
N ARG A 257 31.12 24.36 21.30
CA ARG A 257 30.84 23.46 20.20
C ARG A 257 30.12 24.16 19.05
N VAL A 258 30.47 23.76 17.83
CA VAL A 258 29.86 24.30 16.63
C VAL A 258 29.49 23.13 15.73
N GLY A 259 28.24 23.08 15.29
CA GLY A 259 27.81 22.06 14.34
C GLY A 259 27.63 22.65 12.95
N ILE A 260 27.98 21.88 11.92
CA ILE A 260 27.81 22.34 10.54
C ILE A 260 27.13 21.27 9.70
N SER A 261 26.15 21.70 8.90
CA SER A 261 25.65 20.85 7.83
C SER A 261 25.41 21.73 6.61
N ALA A 262 24.97 21.13 5.51
CA ALA A 262 24.79 21.88 4.27
C ALA A 262 23.76 21.22 3.38
N GLY A 263 23.06 22.06 2.59
CA GLY A 263 22.08 21.58 1.64
C GLY A 263 22.70 20.71 0.55
N ALA A 264 21.82 20.03 -0.19
CA ALA A 264 22.22 19.06 -1.21
C ALA A 264 23.11 19.58 -2.35
N SER A 265 23.18 20.90 -2.50
CA SER A 265 23.89 21.50 -3.63
C SER A 265 25.24 22.08 -3.24
N THR A 266 25.60 21.94 -1.97
CA THR A 266 26.82 22.53 -1.44
C THR A 266 27.98 21.52 -1.50
N PRO A 267 29.05 21.85 -2.24
CA PRO A 267 30.25 21.01 -2.33
C PRO A 267 31.08 21.10 -1.04
N ASP A 268 31.91 20.08 -0.81
CA ASP A 268 32.70 19.97 0.41
C ASP A 268 33.71 21.10 0.65
N TRP A 269 34.25 21.68 -0.43
CA TRP A 269 35.20 22.78 -0.27
C TRP A 269 34.55 24.05 0.28
N ILE A 270 33.26 24.23 0.01
CA ILE A 270 32.52 25.34 0.61
C ILE A 270 32.27 25.06 2.10
N ILE A 271 31.91 23.81 2.40
CA ILE A 271 31.78 23.37 3.79
C ILE A 271 33.13 23.56 4.52
N GLU A 272 34.22 23.28 3.82
CA GLU A 272 35.57 23.44 4.36
C GLU A 272 36.00 24.89 4.58
N GLN A 273 35.65 25.77 3.64
CA GLN A 273 35.88 27.22 3.79
C GLN A 273 35.13 27.83 4.98
N VAL A 274 33.99 27.22 5.33
CA VAL A 274 33.20 27.65 6.48
C VAL A 274 33.84 27.17 7.78
N LYS A 275 34.25 25.90 7.79
CA LYS A 275 34.97 25.29 8.91
C LYS A 275 36.21 26.08 9.30
N SER A 276 37.00 26.48 8.29
CA SER A 276 38.26 27.21 8.52
C SER A 276 38.04 28.67 8.89
N ARG A 277 36.93 29.25 8.43
CA ARG A 277 36.54 30.60 8.82
C ARG A 277 36.11 30.65 10.28
N ILE A 278 35.51 29.55 10.76
CA ILE A 278 35.07 29.42 12.16
C ILE A 278 36.22 29.09 13.11
N GLN A 279 37.13 28.21 12.67
CA GLN A 279 38.31 27.85 13.49
C GLN A 279 39.19 29.05 13.75
N GLU A 280 39.05 30.07 12.91
CA GLU A 280 39.70 31.36 13.11
C GLU A 280 39.02 32.15 14.23
N ILE A 281 37.69 32.19 14.21
CA ILE A 281 36.91 32.98 15.18
C ILE A 281 37.16 32.50 16.61
N MET B 1 -52.12 -1.98 -7.98
CA MET B 1 -50.78 -1.76 -7.36
C MET B 1 -49.84 -0.90 -8.23
N VAL B 2 -48.54 -0.98 -7.94
CA VAL B 2 -47.53 -0.17 -8.63
C VAL B 2 -46.30 -1.01 -9.03
N ASP B 3 -45.22 -0.34 -9.42
CA ASP B 3 -44.00 -1.02 -9.83
C ASP B 3 -43.00 -1.14 -8.67
N ILE B 4 -42.70 -2.37 -8.29
CA ILE B 4 -41.74 -2.64 -7.20
C ILE B 4 -40.45 -3.21 -7.77
N ILE B 5 -39.34 -2.56 -7.51
CA ILE B 5 -38.06 -3.09 -7.95
C ILE B 5 -37.15 -3.41 -6.77
N ILE B 6 -36.81 -4.68 -6.65
CA ILE B 6 -35.82 -5.12 -5.66
C ILE B 6 -34.44 -4.88 -6.25
N ALA B 7 -33.64 -4.07 -5.55
CA ALA B 7 -32.29 -3.73 -5.98
C ALA B 7 -31.44 -4.97 -6.14
N GLU B 8 -30.59 -4.95 -7.18
CA GLU B 8 -29.63 -6.00 -7.38
C GLU B 8 -28.69 -6.10 -6.16
N HIS B 9 -28.42 -7.33 -5.72
CA HIS B 9 -27.56 -7.61 -4.56
C HIS B 9 -28.19 -7.33 -3.18
N ALA B 10 -29.51 -7.02 -3.15
CA ALA B 10 -30.21 -6.92 -1.87
C ALA B 10 -30.04 -8.22 -1.07
N GLY B 11 -29.65 -8.10 0.20
CA GLY B 11 -29.67 -9.26 1.10
C GLY B 11 -28.36 -10.00 1.11
N PHE B 12 -28.47 -11.33 1.29
CA PHE B 12 -27.31 -12.22 1.53
C PHE B 12 -26.32 -12.13 0.37
N CYS B 13 -25.05 -12.10 0.72
CA CYS B 13 -23.97 -12.26 -0.24
C CYS B 13 -23.89 -13.70 -0.74
N PHE B 14 -23.08 -13.89 -1.76
CA PHE B 14 -22.88 -15.22 -2.34
C PHE B 14 -22.55 -16.31 -1.30
N GLY B 15 -21.56 -16.05 -0.45
CA GLY B 15 -21.12 -17.03 0.54
C GLY B 15 -22.17 -17.39 1.55
N VAL B 16 -22.95 -16.43 2.03
CA VAL B 16 -23.96 -16.76 3.04
C VAL B 16 -25.14 -17.54 2.40
N LYS B 17 -25.54 -17.11 1.21
CA LYS B 17 -26.56 -17.80 0.44
C LYS B 17 -26.13 -19.26 0.26
N ARG B 18 -24.88 -19.47 -0.13
CA ARG B 18 -24.31 -20.80 -0.36
C ARG B 18 -24.30 -21.62 0.96
N ALA B 19 -23.87 -21.00 2.07
CA ALA B 19 -23.87 -21.68 3.39
C ALA B 19 -25.28 -22.15 3.79
N VAL B 20 -26.27 -21.27 3.59
CA VAL B 20 -27.69 -21.57 3.93
C VAL B 20 -28.18 -22.78 3.14
N LYS B 21 -27.86 -22.76 1.85
CA LYS B 21 -28.28 -23.81 0.93
CA LYS B 21 -28.23 -23.79 0.88
C LYS B 21 -27.58 -25.13 1.27
N LEU B 22 -26.29 -25.08 1.62
CA LEU B 22 -25.59 -26.30 2.03
C LEU B 22 -26.20 -26.86 3.30
N ALA B 23 -26.59 -25.98 4.20
CA ALA B 23 -27.20 -26.38 5.48
C ALA B 23 -28.53 -27.09 5.20
N GLU B 24 -29.33 -26.47 4.36
CA GLU B 24 -30.63 -27.05 4.05
C GLU B 24 -30.45 -28.40 3.35
N GLU B 25 -29.52 -28.44 2.40
CA GLU B 25 -29.32 -29.69 1.64
CA GLU B 25 -29.26 -29.67 1.62
C GLU B 25 -28.78 -30.84 2.49
N SER B 26 -28.01 -30.53 3.52
CA SER B 26 -27.43 -31.58 4.41
C SER B 26 -28.47 -32.42 5.13
N LEU B 27 -29.69 -31.90 5.26
CA LEU B 27 -30.78 -32.67 5.90
C LEU B 27 -31.04 -33.97 5.12
N LYS B 28 -30.82 -33.98 3.80
CA LYS B 28 -31.12 -35.10 2.92
C LYS B 28 -30.05 -36.18 2.96
N GLU B 29 -28.96 -35.96 3.68
CA GLU B 29 -27.87 -36.94 3.77
C GLU B 29 -27.48 -37.22 5.22
N SER B 30 -28.16 -36.56 6.17
CA SER B 30 -27.82 -36.68 7.57
C SER B 30 -28.67 -37.68 8.36
N GLN B 31 -28.05 -38.77 8.79
CA GLN B 31 -28.72 -39.72 9.64
CA GLN B 31 -28.74 -39.72 9.63
C GLN B 31 -28.90 -39.22 11.07
N GLY B 32 -28.02 -38.30 11.50
CA GLY B 32 -28.03 -37.78 12.85
C GLY B 32 -28.62 -36.39 12.87
N LYS B 33 -28.47 -35.70 13.99
CA LYS B 33 -29.03 -34.36 14.12
C LYS B 33 -28.12 -33.34 13.39
N VAL B 34 -28.73 -32.39 12.68
CA VAL B 34 -27.98 -31.34 11.93
C VAL B 34 -27.81 -30.03 12.71
N TYR B 35 -26.54 -29.64 12.85
CA TYR B 35 -26.19 -28.40 13.56
C TYR B 35 -25.37 -27.53 12.64
N THR B 36 -25.55 -26.21 12.82
CA THR B 36 -24.57 -25.24 12.34
C THR B 36 -23.72 -24.96 13.55
N LEU B 37 -22.45 -24.69 13.28
CA LEU B 37 -21.54 -24.38 14.37
CA LEU B 37 -21.50 -24.37 14.34
C LEU B 37 -21.71 -22.92 14.77
N GLY B 38 -22.59 -22.71 15.75
CA GLY B 38 -23.10 -21.38 16.12
C GLY B 38 -24.23 -21.02 15.16
N PRO B 39 -24.94 -19.92 15.43
CA PRO B 39 -26.03 -19.49 14.53
C PRO B 39 -25.46 -19.11 13.16
N ILE B 40 -26.15 -19.50 12.09
CA ILE B 40 -25.53 -19.40 10.76
C ILE B 40 -25.30 -17.94 10.32
N ILE B 41 -26.15 -17.05 10.80
CA ILE B 41 -26.09 -15.60 10.55
CA ILE B 41 -26.04 -15.61 10.56
C ILE B 41 -26.69 -14.90 11.75
N HIS B 42 -26.40 -13.59 11.91
CA HIS B 42 -27.03 -12.84 13.00
C HIS B 42 -28.38 -12.29 12.58
N ASN B 43 -29.35 -13.19 12.51
CA ASN B 43 -30.71 -12.86 12.21
C ASN B 43 -31.54 -13.92 12.89
N PRO B 44 -32.15 -13.58 14.03
CA PRO B 44 -32.98 -14.50 14.81
C PRO B 44 -34.09 -15.18 14.01
N GLN B 45 -34.74 -14.46 13.09
CA GLN B 45 -35.85 -15.05 12.31
C GLN B 45 -35.32 -16.10 11.34
N GLU B 46 -34.19 -15.80 10.71
CA GLU B 46 -33.59 -16.79 9.80
C GLU B 46 -33.09 -18.05 10.55
N VAL B 47 -32.39 -17.85 11.67
CA VAL B 47 -31.99 -18.98 12.52
C VAL B 47 -33.22 -19.78 12.96
N ASN B 48 -34.30 -19.09 13.30
CA ASN B 48 -35.55 -19.78 13.68
C ASN B 48 -36.12 -20.60 12.51
N ARG B 49 -36.11 -20.01 11.31
CA ARG B 49 -36.65 -20.70 10.11
C ARG B 49 -35.88 -22.00 9.93
N LEU B 50 -34.56 -21.92 10.04
CA LEU B 50 -33.73 -23.10 9.81
C LEU B 50 -33.94 -24.09 10.96
N LYS B 51 -34.06 -23.60 12.19
CA LYS B 51 -34.34 -24.49 13.33
C LYS B 51 -35.64 -25.31 13.09
N ASN B 52 -36.66 -24.63 12.58
CA ASN B 52 -37.94 -25.30 12.24
C ASN B 52 -37.78 -26.39 11.17
N LEU B 53 -36.81 -26.24 10.28
CA LEU B 53 -36.47 -27.30 9.30
C LEU B 53 -35.67 -28.46 9.85
N GLY B 54 -35.07 -28.29 11.02
CA GLY B 54 -34.17 -29.28 11.61
C GLY B 54 -32.66 -28.93 11.56
N VAL B 55 -32.35 -27.69 11.22
CA VAL B 55 -30.97 -27.18 11.26
C VAL B 55 -30.78 -26.31 12.51
N PHE B 56 -30.09 -26.88 13.51
CA PHE B 56 -30.03 -26.27 14.84
C PHE B 56 -28.74 -25.54 15.05
N PRO B 57 -28.82 -24.34 15.64
CA PRO B 57 -27.64 -23.56 15.98
C PRO B 57 -26.99 -24.18 17.22
N SER B 58 -25.78 -24.70 17.07
CA SER B 58 -25.09 -25.26 18.23
C SER B 58 -24.83 -24.23 19.32
N GLN B 59 -24.89 -24.66 20.59
CA GLN B 59 -24.68 -23.74 21.71
C GLN B 59 -23.35 -24.00 22.43
N GLY B 60 -22.81 -25.21 22.27
CA GLY B 60 -21.59 -25.62 22.99
C GLY B 60 -20.96 -26.78 22.23
N GLU B 61 -20.86 -27.92 22.90
CA GLU B 61 -20.25 -29.09 22.33
C GLU B 61 -21.27 -30.23 22.45
N GLU B 62 -22.55 -29.92 22.21
CA GLU B 62 -23.61 -30.89 22.46
C GLU B 62 -23.78 -31.97 21.37
N PHE B 63 -23.27 -31.72 20.16
CA PHE B 63 -23.34 -32.71 19.06
C PHE B 63 -22.54 -33.96 19.39
N LYS B 64 -23.02 -35.10 18.89
CA LYS B 64 -22.45 -36.39 19.20
C LYS B 64 -22.05 -37.16 17.95
N GLU B 65 -21.29 -38.23 18.15
CA GLU B 65 -20.85 -39.03 17.00
C GLU B 65 -22.04 -39.27 16.07
N GLY B 66 -21.80 -39.07 14.79
CA GLY B 66 -22.85 -39.34 13.79
C GLY B 66 -23.70 -38.14 13.47
N ASP B 67 -23.63 -37.10 14.30
CA ASP B 67 -24.33 -35.84 13.98
C ASP B 67 -23.61 -35.06 12.86
N THR B 68 -24.32 -34.13 12.24
CA THR B 68 -23.74 -33.31 11.16
C THR B 68 -23.44 -31.94 11.74
N VAL B 69 -22.22 -31.42 11.49
CA VAL B 69 -21.97 -30.03 11.86
CA VAL B 69 -21.90 -30.06 11.88
C VAL B 69 -21.54 -29.25 10.63
N ILE B 70 -22.11 -28.05 10.50
CA ILE B 70 -21.86 -27.14 9.36
C ILE B 70 -20.96 -25.97 9.76
N ILE B 71 -19.79 -25.93 9.14
CA ILE B 71 -18.83 -24.80 9.40
C ILE B 71 -19.42 -23.54 8.74
N ARG B 72 -19.46 -22.41 9.46
CA ARG B 72 -20.07 -21.22 8.93
CA ARG B 72 -20.03 -21.17 8.98
C ARG B 72 -19.18 -20.58 7.86
N SER B 73 -19.78 -19.62 7.14
CA SER B 73 -19.14 -18.98 6.00
C SER B 73 -17.79 -18.33 6.35
N HIS B 74 -17.59 -18.00 7.62
CA HIS B 74 -16.33 -17.39 8.12
C HIS B 74 -15.21 -18.39 8.34
N GLY B 75 -15.52 -19.69 8.32
CA GLY B 75 -14.45 -20.66 8.49
C GLY B 75 -13.98 -20.84 9.92
N ILE B 76 -13.08 -21.80 10.09
CA ILE B 76 -12.53 -22.13 11.39
C ILE B 76 -11.08 -22.57 11.22
N PRO B 77 -10.29 -22.52 12.31
CA PRO B 77 -8.92 -23.07 12.21
C PRO B 77 -8.91 -24.53 11.74
N PRO B 78 -7.89 -24.91 10.93
CA PRO B 78 -7.86 -26.27 10.40
C PRO B 78 -7.78 -27.34 11.51
N GLU B 79 -7.04 -27.08 12.59
CA GLU B 79 -7.02 -28.05 13.68
C GLU B 79 -8.37 -28.26 14.42
N LYS B 80 -9.25 -27.26 14.38
CA LYS B 80 -10.58 -27.39 14.98
C LYS B 80 -11.48 -28.17 14.05
N GLU B 81 -11.36 -27.90 12.74
CA GLU B 81 -12.08 -28.71 11.75
C GLU B 81 -11.68 -30.18 11.91
N GLU B 82 -10.39 -30.45 12.09
CA GLU B 82 -9.92 -31.82 12.25
C GLU B 82 -10.42 -32.43 13.57
N ALA B 83 -10.45 -31.64 14.64
CA ALA B 83 -11.01 -32.07 15.95
C ALA B 83 -12.46 -32.54 15.80
N LEU B 84 -13.26 -31.79 15.04
CA LEU B 84 -14.65 -32.16 14.78
C LEU B 84 -14.76 -33.50 14.03
N ARG B 85 -13.94 -33.66 12.99
CA ARG B 85 -13.87 -34.95 12.24
C ARG B 85 -13.49 -36.10 13.15
N LYS B 86 -12.52 -35.89 14.02
CA LYS B 86 -12.06 -36.97 14.93
C LYS B 86 -13.12 -37.39 15.95
N LYS B 87 -14.10 -36.52 16.19
CA LYS B 87 -15.21 -36.81 17.12
C LYS B 87 -16.31 -37.64 16.41
N GLY B 88 -16.08 -37.90 15.13
CA GLY B 88 -16.96 -38.80 14.37
C GLY B 88 -18.17 -38.05 13.86
N LEU B 89 -18.01 -36.75 13.62
CA LEU B 89 -19.07 -35.94 13.11
C LEU B 89 -18.99 -35.88 11.58
N LYS B 90 -20.15 -35.84 10.91
CA LYS B 90 -20.16 -35.46 9.50
C LYS B 90 -20.01 -33.94 9.37
N VAL B 91 -18.87 -33.52 8.81
CA VAL B 91 -18.48 -32.12 8.79
C VAL B 91 -18.75 -31.61 7.39
N ILE B 92 -19.66 -30.66 7.32
CA ILE B 92 -19.94 -29.94 6.07
C ILE B 92 -19.24 -28.58 6.09
N ASP B 93 -18.34 -28.38 5.14
CA ASP B 93 -17.57 -27.16 5.14
C ASP B 93 -18.27 -26.12 4.27
N ALA B 94 -18.91 -25.14 4.91
CA ALA B 94 -19.59 -24.08 4.20
C ALA B 94 -18.81 -22.75 4.29
N THR B 95 -17.52 -22.81 4.65
CA THR B 95 -16.66 -21.63 4.52
C THR B 95 -16.80 -20.99 3.13
N CYS B 96 -16.99 -19.67 3.10
CA CYS B 96 -17.08 -18.96 1.79
C CYS B 96 -15.81 -19.22 0.95
N PRO B 97 -15.97 -19.53 -0.36
CA PRO B 97 -14.83 -19.68 -1.29
C PRO B 97 -13.87 -18.47 -1.20
N TYR B 98 -14.42 -17.28 -0.92
CA TYR B 98 -13.55 -16.08 -0.82
C TYR B 98 -12.77 -16.01 0.46
N VAL B 99 -13.30 -16.62 1.51
CA VAL B 99 -12.57 -16.77 2.78
C VAL B 99 -11.51 -17.83 2.59
N LYS B 100 -11.85 -18.95 1.95
CA LYS B 100 -10.85 -19.93 1.60
C LYS B 100 -9.68 -19.35 0.78
N ALA B 101 -9.97 -18.36 -0.05
CA ALA B 101 -8.90 -17.71 -0.80
C ALA B 101 -7.91 -16.93 0.12
N VAL B 102 -8.41 -16.38 1.23
CA VAL B 102 -7.51 -15.76 2.22
C VAL B 102 -6.63 -16.83 2.83
N HIS B 103 -7.23 -17.96 3.22
CA HIS B 103 -6.43 -19.09 3.75
C HIS B 103 -5.29 -19.50 2.77
N GLU B 104 -5.65 -19.61 1.49
CA GLU B 104 -4.71 -19.95 0.44
C GLU B 104 -3.60 -18.89 0.34
N ALA B 105 -4.00 -17.62 0.42
CA ALA B 105 -3.10 -16.49 0.20
C ALA B 105 -2.06 -16.42 1.31
N VAL B 106 -2.48 -16.67 2.56
CA VAL B 106 -1.47 -16.56 3.65
C VAL B 106 -0.45 -17.68 3.51
N CYS B 107 -0.90 -18.81 3.03
CA CYS B 107 0.04 -19.90 2.83
C CYS B 107 0.99 -19.70 1.65
N GLN B 108 0.46 -19.17 0.55
CA GLN B 108 1.26 -18.80 -0.61
C GLN B 108 2.32 -17.79 -0.22
N LEU B 109 1.93 -16.72 0.51
CA LEU B 109 2.86 -15.71 0.94
C LEU B 109 3.96 -16.30 1.84
N THR B 110 3.59 -17.24 2.70
CA THR B 110 4.56 -17.94 3.56
C THR B 110 5.59 -18.74 2.71
N ARG B 111 5.11 -19.51 1.75
CA ARG B 111 5.97 -20.24 0.82
C ARG B 111 6.95 -19.33 0.08
N GLU B 112 6.51 -18.09 -0.18
CA GLU B 112 7.30 -17.11 -0.89
C GLU B 112 8.23 -16.31 0.05
N GLY B 113 8.17 -16.59 1.35
CA GLY B 113 9.17 -16.08 2.30
C GLY B 113 8.72 -14.75 2.93
N TYR B 114 7.44 -14.43 2.86
CA TYR B 114 6.97 -13.17 3.47
C TYR B 114 6.52 -13.30 4.92
N PHE B 115 6.71 -12.23 5.70
CA PHE B 115 6.05 -12.08 7.01
C PHE B 115 4.65 -11.54 6.71
N VAL B 116 3.61 -12.16 7.24
CA VAL B 116 2.23 -11.84 6.79
C VAL B 116 1.57 -10.81 7.72
N VAL B 117 0.97 -9.80 7.09
CA VAL B 117 0.07 -8.91 7.77
C VAL B 117 -1.38 -9.15 7.30
N LEU B 118 -2.24 -9.49 8.24
CA LEU B 118 -3.67 -9.67 7.96
CA LEU B 118 -3.65 -9.65 7.93
C LEU B 118 -4.37 -8.41 8.44
N VAL B 119 -4.91 -7.60 7.52
CA VAL B 119 -5.64 -6.39 7.91
C VAL B 119 -7.09 -6.77 8.24
N GLY B 120 -7.45 -6.63 9.51
CA GLY B 120 -8.77 -7.07 9.95
C GLY B 120 -8.98 -6.91 11.44
N GLU B 121 -10.12 -7.41 11.91
CA GLU B 121 -10.51 -7.36 13.32
C GLU B 121 -9.96 -8.59 14.09
N LYS B 122 -9.06 -8.33 15.04
CA LYS B 122 -8.36 -9.42 15.78
C LYS B 122 -9.26 -10.55 16.29
N ASN B 123 -10.35 -10.19 16.95
CA ASN B 123 -11.21 -11.22 17.56
CA ASN B 123 -11.22 -11.19 17.58
C ASN B 123 -12.30 -11.75 16.64
N HIS B 124 -12.26 -11.38 15.36
CA HIS B 124 -13.31 -11.84 14.48
C HIS B 124 -13.07 -13.28 14.09
N PRO B 125 -14.12 -14.13 14.09
CA PRO B 125 -13.93 -15.55 13.69
C PRO B 125 -13.23 -15.80 12.33
N GLU B 126 -13.45 -14.96 11.33
CA GLU B 126 -12.77 -15.13 10.04
C GLU B 126 -11.24 -14.98 10.24
N VAL B 127 -10.87 -13.99 11.01
CA VAL B 127 -9.49 -13.68 11.29
C VAL B 127 -8.83 -14.81 12.11
N ILE B 128 -9.49 -15.28 13.15
CA ILE B 128 -9.01 -16.40 13.94
C ILE B 128 -8.78 -17.62 13.03
N GLY B 129 -9.72 -17.88 12.13
CA GLY B 129 -9.54 -19.05 11.25
C GLY B 129 -8.31 -18.91 10.35
N THR B 130 -8.15 -17.74 9.74
CA THR B 130 -7.04 -17.47 8.87
C THR B 130 -5.69 -17.56 9.60
N LEU B 131 -5.60 -17.02 10.83
CA LEU B 131 -4.39 -17.21 11.67
C LEU B 131 -4.09 -18.70 11.86
N GLY B 132 -5.14 -19.52 11.97
CA GLY B 132 -4.95 -20.96 12.10
C GLY B 132 -4.32 -21.57 10.84
N TYR B 133 -4.71 -21.07 9.68
CA TYR B 133 -4.07 -21.51 8.43
C TYR B 133 -2.60 -21.05 8.33
N LEU B 134 -2.36 -19.81 8.77
CA LEU B 134 -1.01 -19.26 8.73
C LEU B 134 -0.13 -20.11 9.63
N ARG B 135 -0.64 -20.45 10.81
CA ARG B 135 0.11 -21.28 11.74
C ARG B 135 0.36 -22.68 11.15
N ALA B 136 -0.68 -23.23 10.51
CA ALA B 136 -0.60 -24.59 9.92
C ALA B 136 0.46 -24.73 8.84
N CYS B 137 0.67 -23.66 8.09
CA CYS B 137 1.65 -23.71 7.01
CA CYS B 137 1.60 -23.59 6.98
C CYS B 137 3.00 -23.16 7.45
N ASN B 138 3.20 -23.10 8.76
CA ASN B 138 4.48 -22.65 9.39
C ASN B 138 4.85 -21.21 9.05
N GLY B 139 3.82 -20.44 8.83
CA GLY B 139 3.95 -19.02 8.54
C GLY B 139 4.01 -18.17 9.79
N LYS B 140 4.45 -16.93 9.64
CA LYS B 140 4.48 -16.01 10.75
CA LYS B 140 4.60 -15.96 10.71
C LYS B 140 3.87 -14.69 10.35
N GLY B 141 3.20 -14.06 11.29
CA GLY B 141 2.48 -12.82 10.95
C GLY B 141 1.67 -12.23 12.09
N ILE B 142 1.05 -11.09 11.80
CA ILE B 142 0.20 -10.44 12.77
C ILE B 142 -1.11 -9.97 12.11
N VAL B 143 -2.07 -9.61 12.97
CA VAL B 143 -3.28 -8.87 12.57
C VAL B 143 -3.06 -7.39 12.80
N VAL B 144 -3.40 -6.58 11.78
CA VAL B 144 -3.34 -5.14 11.89
C VAL B 144 -4.77 -4.62 11.92
N GLU B 145 -5.18 -4.10 13.09
CA GLU B 145 -6.54 -3.61 13.25
C GLU B 145 -6.55 -2.09 13.30
N THR B 146 -5.47 -1.53 13.81
CA THR B 146 -5.25 -0.10 13.77
C THR B 146 -3.82 0.15 13.33
N LEU B 147 -3.51 1.40 12.94
CA LEU B 147 -2.23 1.69 12.34
C LEU B 147 -1.06 1.40 13.30
N GLU B 148 -1.31 1.52 14.60
CA GLU B 148 -0.27 1.26 15.61
C GLU B 148 0.17 -0.21 15.62
N ASP B 149 -0.68 -1.10 15.09
CA ASP B 149 -0.35 -2.53 14.98
C ASP B 149 0.79 -2.87 14.00
N ILE B 150 1.12 -1.97 13.08
CA ILE B 150 2.10 -2.31 12.03
C ILE B 150 3.57 -2.42 12.49
N GLY B 151 3.88 -1.86 13.66
CA GLY B 151 5.24 -1.88 14.23
C GLY B 151 6.03 -3.17 14.01
N GLU B 152 5.46 -4.31 14.38
CA GLU B 152 6.16 -5.58 14.27
C GLU B 152 6.48 -5.97 12.81
N ALA B 153 5.58 -5.68 11.87
CA ALA B 153 5.83 -5.94 10.48
C ALA B 153 6.99 -5.11 9.93
N LEU B 154 7.20 -3.91 10.49
CA LEU B 154 8.28 -3.02 10.03
C LEU B 154 9.69 -3.53 10.36
N LYS B 155 9.74 -4.57 11.20
CA LYS B 155 11.00 -5.22 11.57
C LYS B 155 11.48 -6.15 10.46
N HIS B 156 10.61 -6.44 9.49
CA HIS B 156 10.92 -7.40 8.45
C HIS B 156 11.20 -6.70 7.13
N GLU B 157 11.96 -7.36 6.25
CA GLU B 157 12.31 -6.73 4.99
C GLU B 157 11.28 -7.03 3.91
N ARG B 158 10.61 -8.18 4.04
CA ARG B 158 9.59 -8.60 3.08
C ARG B 158 8.28 -8.90 3.77
N VAL B 159 7.28 -8.09 3.46
CA VAL B 159 5.99 -8.18 4.11
C VAL B 159 4.91 -8.49 3.08
N GLY B 160 4.12 -9.54 3.35
CA GLY B 160 2.93 -9.85 2.53
C GLY B 160 1.65 -9.43 3.22
N ILE B 161 0.75 -8.78 2.47
CA ILE B 161 -0.41 -8.21 3.07
C ILE B 161 -1.68 -8.77 2.47
N VAL B 162 -2.55 -9.26 3.34
CA VAL B 162 -3.89 -9.71 2.94
C VAL B 162 -4.97 -9.00 3.79
N ALA B 163 -6.24 -9.21 3.44
CA ALA B 163 -7.34 -8.54 4.14
C ALA B 163 -8.40 -9.53 4.59
N GLN B 164 -8.96 -9.24 5.76
CA GLN B 164 -10.22 -9.85 6.13
C GLN B 164 -11.21 -9.48 5.01
N THR B 165 -12.05 -10.43 4.59
CA THR B 165 -12.94 -10.23 3.42
C THR B 165 -13.81 -8.96 3.51
N THR B 166 -14.23 -8.65 4.74
CA THR B 166 -15.08 -7.48 5.01
C THR B 166 -14.31 -6.23 5.44
N GLN B 167 -12.99 -6.26 5.33
CA GLN B 167 -12.17 -5.08 5.69
C GLN B 167 -12.55 -3.85 4.84
N ASN B 168 -12.72 -2.71 5.47
CA ASN B 168 -12.95 -1.50 4.71
C ASN B 168 -11.71 -1.10 3.89
N GLU B 169 -11.95 -0.60 2.71
CA GLU B 169 -10.89 -0.29 1.72
C GLU B 169 -10.04 0.88 2.17
N GLU B 170 -10.66 1.88 2.80
CA GLU B 170 -9.88 3.04 3.24
C GLU B 170 -8.73 2.70 4.17
N PHE B 171 -8.99 1.87 5.16
CA PHE B 171 -7.89 1.46 6.06
C PHE B 171 -6.89 0.52 5.41
N PHE B 172 -7.38 -0.35 4.57
CA PHE B 172 -6.49 -1.27 3.86
C PHE B 172 -5.51 -0.48 2.99
N LYS B 173 -6.03 0.54 2.29
CA LYS B 173 -5.22 1.40 1.42
C LYS B 173 -4.10 2.12 2.22
N GLU B 174 -4.48 2.61 3.41
CA GLU B 174 -3.56 3.29 4.33
C GLU B 174 -2.45 2.37 4.83
N VAL B 175 -2.83 1.18 5.29
CA VAL B 175 -1.88 0.18 5.82
C VAL B 175 -0.88 -0.24 4.73
N VAL B 176 -1.40 -0.56 3.56
CA VAL B 176 -0.54 -0.96 2.44
C VAL B 176 0.48 0.14 2.10
N GLY B 177 0.01 1.39 1.96
CA GLY B 177 0.87 2.49 1.58
C GLY B 177 1.91 2.75 2.65
N GLU B 178 1.47 2.71 3.91
CA GLU B 178 2.38 2.98 5.01
C GLU B 178 3.47 1.92 5.12
N ILE B 179 3.10 0.65 5.15
CA ILE B 179 4.11 -0.42 5.22
C ILE B 179 5.13 -0.32 4.06
N ALA B 180 4.64 -0.05 2.86
CA ALA B 180 5.49 0.10 1.67
C ALA B 180 6.59 1.18 1.81
N LEU B 181 6.30 2.20 2.61
CA LEU B 181 7.29 3.28 2.82
C LEU B 181 8.41 2.83 3.72
N TRP B 182 8.13 1.84 4.58
CA TRP B 182 9.08 1.44 5.62
C TRP B 182 9.84 0.15 5.35
N VAL B 183 9.32 -0.72 4.49
CA VAL B 183 9.99 -2.00 4.25
C VAL B 183 10.43 -2.17 2.80
N LYS B 184 11.41 -3.04 2.57
CA LYS B 184 12.05 -3.10 1.26
C LYS B 184 11.13 -3.62 0.18
N GLU B 185 10.33 -4.62 0.52
CA GLU B 185 9.52 -5.32 -0.45
CA GLU B 185 9.53 -5.37 -0.45
C GLU B 185 8.18 -5.71 0.15
N VAL B 186 7.11 -5.30 -0.53
CA VAL B 186 5.79 -5.58 -0.02
C VAL B 186 5.03 -6.30 -1.11
N LYS B 187 4.33 -7.40 -0.77
CA LYS B 187 3.43 -8.01 -1.71
C LYS B 187 2.02 -7.99 -1.16
N VAL B 188 1.06 -7.51 -1.96
CA VAL B 188 -0.30 -7.43 -1.51
C VAL B 188 -1.16 -8.34 -2.34
N ILE B 189 -1.91 -9.21 -1.65
CA ILE B 189 -2.96 -9.93 -2.34
C ILE B 189 -4.29 -9.40 -1.79
N ASN B 190 -4.98 -8.64 -2.63
CA ASN B 190 -6.20 -7.99 -2.19
C ASN B 190 -7.37 -8.99 -2.11
N THR B 191 -7.65 -9.42 -0.89
CA THR B 191 -8.70 -10.41 -0.67
C THR B 191 -10.03 -9.81 -0.15
N ILE B 192 -10.18 -8.48 -0.26
CA ILE B 192 -11.45 -7.79 0.09
C ILE B 192 -12.54 -8.24 -0.86
N CYS B 193 -13.67 -8.66 -0.30
CA CYS B 193 -14.79 -9.11 -1.10
C CYS B 193 -15.62 -7.90 -1.52
N ASN B 194 -16.06 -7.86 -2.78
CA ASN B 194 -16.83 -6.70 -3.26
C ASN B 194 -18.33 -6.72 -2.92
N ALA B 195 -18.79 -7.75 -2.20
CA ALA B 195 -20.25 -7.90 -1.92
C ALA B 195 -20.87 -6.65 -1.30
N THR B 196 -20.16 -6.01 -0.37
CA THR B 196 -20.70 -4.80 0.29
C THR B 196 -20.76 -3.60 -0.66
N SER B 197 -19.70 -3.42 -1.45
CA SER B 197 -19.63 -2.37 -2.47
C SER B 197 -20.76 -2.51 -3.50
N LEU B 198 -20.94 -3.72 -4.03
CA LEU B 198 -22.01 -3.99 -5.02
C LEU B 198 -23.38 -3.60 -4.45
N ARG B 199 -23.68 -4.10 -3.25
CA ARG B 199 -24.93 -3.80 -2.56
C ARG B 199 -25.17 -2.29 -2.42
N GLN B 200 -24.14 -1.56 -2.01
CA GLN B 200 -24.23 -0.10 -1.85
C GLN B 200 -24.39 0.66 -3.18
N GLU B 201 -23.65 0.27 -4.20
CA GLU B 201 -23.72 0.94 -5.52
C GLU B 201 -25.04 0.68 -6.24
N SER B 202 -25.62 -0.50 -6.01
CA SER B 202 -26.93 -0.83 -6.53
C SER B 202 -28.03 0.04 -5.89
N VAL B 203 -27.88 0.35 -4.60
CA VAL B 203 -28.75 1.31 -3.91
C VAL B 203 -28.53 2.73 -4.43
N LYS B 204 -27.27 3.09 -4.64
CA LYS B 204 -26.91 4.39 -5.22
C LYS B 204 -27.61 4.64 -6.57
N LYS B 205 -27.63 3.62 -7.42
CA LYS B 205 -28.24 3.74 -8.74
C LYS B 205 -29.77 3.73 -8.67
N LEU B 206 -30.33 2.93 -7.76
CA LEU B 206 -31.78 2.81 -7.67
C LEU B 206 -32.44 3.99 -6.94
N ALA B 207 -31.79 4.48 -5.89
CA ALA B 207 -32.36 5.55 -5.04
C ALA B 207 -33.07 6.72 -5.76
N PRO B 208 -32.37 7.42 -6.69
CA PRO B 208 -33.02 8.57 -7.35
C PRO B 208 -34.01 8.20 -8.46
N GLU B 209 -34.08 6.93 -8.79
CA GLU B 209 -34.82 6.41 -9.93
C GLU B 209 -36.20 5.87 -9.50
N VAL B 210 -36.54 6.08 -8.22
CA VAL B 210 -37.81 5.63 -7.64
C VAL B 210 -38.38 6.70 -6.70
N ASP B 211 -39.67 6.59 -6.37
CA ASP B 211 -40.31 7.52 -5.44
C ASP B 211 -39.96 7.27 -3.97
N VAL B 212 -40.03 6.01 -3.56
CA VAL B 212 -39.70 5.64 -2.18
C VAL B 212 -38.69 4.52 -2.20
N MET B 213 -37.73 4.62 -1.28
CA MET B 213 -36.74 3.58 -1.03
C MET B 213 -37.02 2.90 0.30
N ILE B 214 -37.11 1.57 0.27
CA ILE B 214 -37.20 0.74 1.48
C ILE B 214 -35.91 -0.04 1.70
N ILE B 215 -35.30 0.14 2.87
CA ILE B 215 -34.09 -0.56 3.26
C ILE B 215 -34.40 -1.50 4.42
N ILE B 216 -34.20 -2.80 4.20
CA ILE B 216 -34.56 -3.81 5.20
C ILE B 216 -33.31 -4.32 5.94
N GLY B 217 -33.44 -4.55 7.24
CA GLY B 217 -32.36 -5.12 8.04
C GLY B 217 -32.48 -4.82 9.51
N GLY B 218 -31.75 -5.59 10.33
CA GLY B 218 -31.72 -5.34 11.77
C GLY B 218 -31.09 -3.98 12.02
N LYS B 219 -31.57 -3.28 13.06
CA LYS B 219 -31.07 -1.94 13.44
C LYS B 219 -29.59 -1.97 13.85
N ASN B 220 -29.18 -3.06 14.49
CA ASN B 220 -27.82 -3.21 14.98
C ASN B 220 -26.86 -3.63 13.86
N SER B 221 -27.42 -3.97 12.69
CA SER B 221 -26.60 -4.25 11.51
C SER B 221 -25.99 -2.96 11.01
N GLY B 222 -24.70 -2.78 11.28
CA GLY B 222 -23.95 -1.60 10.83
C GLY B 222 -24.04 -1.32 9.34
N ASN B 223 -23.85 -2.35 8.51
CA ASN B 223 -23.93 -2.16 7.05
C ASN B 223 -25.35 -2.02 6.48
N THR B 224 -26.37 -2.44 7.24
CA THR B 224 -27.75 -2.10 6.86
C THR B 224 -27.94 -0.59 7.08
N ARG B 225 -27.44 -0.09 8.21
CA ARG B 225 -27.56 1.34 8.54
C ARG B 225 -26.86 2.22 7.50
N ARG B 226 -25.81 1.69 6.88
CA ARG B 226 -25.06 2.44 5.86
C ARG B 226 -25.89 2.49 4.59
N LEU B 227 -26.54 1.37 4.27
CA LEU B 227 -27.49 1.31 3.16
C LEU B 227 -28.61 2.32 3.33
N TYR B 228 -29.14 2.45 4.54
CA TYR B 228 -30.12 3.50 4.83
C TYR B 228 -29.57 4.92 4.57
N TYR B 229 -28.44 5.26 5.17
CA TYR B 229 -27.87 6.61 5.04
C TYR B 229 -27.56 6.99 3.60
N ILE B 230 -26.89 6.07 2.90
CA ILE B 230 -26.56 6.27 1.48
C ILE B 230 -27.80 6.58 0.65
N SER B 231 -28.89 5.87 0.93
CA SER B 231 -30.16 6.05 0.21
C SER B 231 -30.86 7.35 0.63
N LYS B 232 -30.92 7.60 1.94
CA LYS B 232 -31.55 8.78 2.54
C LYS B 232 -30.90 10.08 2.03
N GLU B 233 -29.63 9.98 1.65
CA GLU B 233 -28.87 11.09 1.09
C GLU B 233 -29.29 11.40 -0.36
N LEU B 234 -29.71 10.37 -1.09
CA LEU B 234 -30.07 10.52 -2.51
C LEU B 234 -31.59 10.58 -2.75
N ASN B 235 -32.36 10.19 -1.73
CA ASN B 235 -33.81 10.18 -1.81
C ASN B 235 -34.34 10.28 -0.37
N PRO B 236 -34.98 11.44 -0.02
CA PRO B 236 -35.53 11.67 1.35
C PRO B 236 -36.53 10.59 1.82
N ASN B 237 -37.23 9.97 0.84
CA ASN B 237 -38.25 8.98 1.13
C ASN B 237 -37.67 7.59 1.29
N THR B 238 -36.51 7.53 1.96
CA THR B 238 -35.92 6.26 2.35
C THR B 238 -36.40 5.95 3.78
N TYR B 239 -36.85 4.71 4.01
CA TYR B 239 -37.28 4.29 5.32
C TYR B 239 -36.58 3.00 5.61
N HIS B 240 -35.98 2.92 6.78
CA HIS B 240 -35.37 1.67 7.22
C HIS B 240 -36.37 0.86 8.06
N ILE B 241 -36.49 -0.43 7.77
CA ILE B 241 -37.43 -1.31 8.52
C ILE B 241 -36.81 -2.69 8.79
N GLU B 242 -37.26 -3.33 9.89
CA GLU B 242 -36.84 -4.69 10.23
C GLU B 242 -37.88 -5.73 9.79
N THR B 243 -39.14 -5.30 9.73
CA THR B 243 -40.26 -6.18 9.38
C THR B 243 -41.23 -5.43 8.48
N ALA B 244 -41.93 -6.19 7.61
CA ALA B 244 -43.06 -5.66 6.83
C ALA B 244 -44.12 -4.95 7.69
N GLU B 245 -44.20 -5.33 8.97
CA GLU B 245 -45.13 -4.73 9.93
C GLU B 245 -44.94 -3.22 10.04
N GLU B 246 -43.72 -2.75 9.82
CA GLU B 246 -43.38 -1.35 9.98
C GLU B 246 -43.78 -0.47 8.79
N LEU B 247 -44.05 -1.11 7.65
CA LEU B 247 -44.48 -0.40 6.43
C LEU B 247 -45.76 0.40 6.64
N GLN B 248 -45.61 1.71 6.73
CA GLN B 248 -46.75 2.61 6.92
C GLN B 248 -47.45 2.86 5.59
N PRO B 249 -48.77 2.59 5.52
CA PRO B 249 -49.54 2.85 4.30
C PRO B 249 -49.33 4.28 3.79
N GLU B 250 -49.07 5.18 4.74
CA GLU B 250 -48.87 6.61 4.47
C GLU B 250 -47.76 6.87 3.45
N TRP B 251 -46.67 6.09 3.56
CA TRP B 251 -45.48 6.27 2.71
C TRP B 251 -45.74 6.00 1.23
N PHE B 252 -46.78 5.20 0.94
CA PHE B 252 -47.03 4.77 -0.44
C PHE B 252 -48.20 5.48 -1.14
N ARG B 253 -48.52 6.68 -0.66
CA ARG B 253 -49.53 7.49 -1.33
C ARG B 253 -48.93 8.11 -2.59
N GLY B 254 -49.69 7.91 -3.76
CA GLY B 254 -49.35 8.55 -5.03
C GLY B 254 -47.98 8.16 -5.58
N VAL B 255 -47.55 6.94 -5.29
CA VAL B 255 -46.24 6.43 -5.73
C VAL B 255 -46.38 5.65 -7.04
N LYS B 256 -45.35 5.71 -7.88
CA LYS B 256 -45.32 4.95 -9.12
C LYS B 256 -44.26 3.84 -9.05
N ARG B 257 -43.04 4.20 -8.68
CA ARG B 257 -41.96 3.22 -8.49
C ARG B 257 -41.51 3.13 -7.03
N VAL B 258 -41.46 1.91 -6.52
CA VAL B 258 -40.89 1.62 -5.19
C VAL B 258 -39.59 0.83 -5.32
N GLY B 259 -38.55 1.28 -4.64
CA GLY B 259 -37.30 0.52 -4.53
C GLY B 259 -37.14 -0.20 -3.20
N ILE B 260 -36.64 -1.43 -3.25
CA ILE B 260 -36.35 -2.21 -2.05
C ILE B 260 -34.92 -2.74 -2.08
N SER B 261 -34.20 -2.51 -0.99
CA SER B 261 -33.00 -3.27 -0.76
C SER B 261 -32.94 -3.78 0.66
N ALA B 262 -31.89 -4.52 0.96
CA ALA B 262 -31.72 -5.14 2.27
C ALA B 262 -30.26 -5.32 2.58
N GLY B 263 -29.93 -5.27 3.87
CA GLY B 263 -28.58 -5.53 4.39
C GLY B 263 -28.17 -7.00 4.24
N ALA B 264 -26.91 -7.27 4.59
CA ALA B 264 -26.29 -8.57 4.38
C ALA B 264 -26.91 -9.69 5.21
N SER B 265 -27.70 -9.34 6.20
CA SER B 265 -28.26 -10.36 7.09
C SER B 265 -29.74 -10.64 6.82
N THR B 266 -30.25 -10.14 5.69
CA THR B 266 -31.67 -10.28 5.35
C THR B 266 -31.89 -11.38 4.31
N PRO B 267 -32.64 -12.43 4.69
CA PRO B 267 -32.93 -13.50 3.76
C PRO B 267 -34.00 -13.04 2.77
N ASP B 268 -34.02 -13.70 1.62
CA ASP B 268 -34.98 -13.37 0.56
C ASP B 268 -36.44 -13.50 0.95
N TRP B 269 -36.75 -14.37 1.91
CA TRP B 269 -38.16 -14.52 2.29
C TRP B 269 -38.69 -13.31 3.04
N ILE B 270 -37.80 -12.60 3.74
CA ILE B 270 -38.18 -11.34 4.39
C ILE B 270 -38.40 -10.25 3.33
N ILE B 271 -37.50 -10.15 2.35
CA ILE B 271 -37.67 -9.22 1.23
C ILE B 271 -39.00 -9.44 0.47
N GLU B 272 -39.38 -10.69 0.29
CA GLU B 272 -40.66 -11.02 -0.34
C GLU B 272 -41.86 -10.65 0.52
N GLN B 273 -41.72 -10.81 1.83
CA GLN B 273 -42.75 -10.40 2.79
C GLN B 273 -43.01 -8.91 2.67
N VAL B 274 -41.92 -8.13 2.57
CA VAL B 274 -41.99 -6.69 2.40
C VAL B 274 -42.62 -6.30 1.05
N LYS B 275 -42.14 -6.93 -0.03
CA LYS B 275 -42.63 -6.69 -1.38
C LYS B 275 -44.14 -6.91 -1.49
N SER B 276 -44.64 -8.03 -1.00
CA SER B 276 -46.06 -8.31 -1.16
C SER B 276 -46.96 -7.57 -0.16
N ARG B 277 -46.38 -7.04 0.91
CA ARG B 277 -47.11 -6.12 1.79
C ARG B 277 -47.24 -4.76 1.12
N ILE B 278 -46.19 -4.34 0.42
CA ILE B 278 -46.25 -3.10 -0.39
C ILE B 278 -47.31 -3.22 -1.49
N GLN B 279 -47.37 -4.38 -2.14
CA GLN B 279 -48.41 -4.69 -3.13
C GLN B 279 -49.82 -4.74 -2.52
N GLU B 280 -49.89 -5.07 -1.22
CA GLU B 280 -51.14 -5.10 -0.47
C GLU B 280 -51.57 -3.69 -0.05
N ILE B 281 -50.59 -2.82 0.15
CA ILE B 281 -50.85 -1.39 0.42
C ILE B 281 -51.35 -0.68 -0.84
N CYS B 282 -50.78 -1.03 -1.99
CA CYS B 282 -51.25 -0.55 -3.29
C CYS B 282 -52.01 -1.67 -3.99
FE1 F3S C . 19.95 9.41 -4.07
FE3 F3S C . 21.90 8.58 -5.69
FE4 F3S C . 21.78 10.83 -4.81
S1 F3S C . 19.75 8.22 -6.00
S2 F3S C . 19.92 11.69 -4.19
S3 F3S C . 22.15 9.16 -3.51
S4 F3S C . 22.65 10.43 -6.74
C1 GOL D . 0.64 -9.00 -15.30
O1 GOL D . -0.73 -8.95 -14.97
C2 GOL D . 0.83 -9.48 -16.74
O2 GOL D . 0.22 -8.59 -17.65
C3 GOL D . 2.30 -9.53 -17.05
O3 GOL D . 2.47 -10.36 -18.19
FE1 F3S E . -18.09 -11.90 0.55
FE3 F3S E . -18.10 -14.55 1.13
FE4 F3S E . -19.90 -12.97 1.74
S1 F3S E . -16.40 -13.08 1.49
S2 F3S E . -19.56 -10.83 1.92
S3 F3S E . -19.49 -13.48 -0.33
S4 F3S E . -19.56 -14.78 2.90
C1 GOL F . 10.63 -13.96 6.84
O1 GOL F . 11.63 -14.57 7.67
C2 GOL F . 10.59 -12.45 7.04
O2 GOL F . 11.63 -11.94 7.85
C3 GOL F . 10.63 -11.80 5.66
O3 GOL F . 11.30 -10.57 5.72
#